data_2V5K
#
_entry.id   2V5K
#
_cell.length_a   152.200
_cell.length_b   152.200
_cell.length_c   152.200
_cell.angle_alpha   90.00
_cell.angle_beta   90.00
_cell.angle_gamma   90.00
#
_symmetry.space_group_name_H-M   'P 21 3'
#
loop_
_entity.id
_entity.type
_entity.pdbx_description
1 polymer '2,4-DIHYDROXYHEPT-2-ENE-1,7-DIOIC ACID ALDOLASE'
2 non-polymer 'MAGNESIUM ION'
3 non-polymer 'OXAMIC ACID'
4 non-polymer 'PHOSPHATE ION'
5 water water
#
_entity_poly.entity_id   1
_entity_poly.type   'polypeptide(L)'
_entity_poly.pdbx_seq_one_letter_code
;MSYYHHHHHHDVDIPTTENLYFQGAMENSFKAALKAGRPQIGLWLGLSSSYSAELLAGAGFDWLLIDGEHAPNNVQTVLT
QLQAIAPYPSQPVVRPSWNDPVQIKQLLDVGTQTLLVPMVQNADEAREAVRATRYPPAGIRGVGSALARASRWNRIPDYL
QKANDQMCVLVQIETREAMKNLPQILDVEGVDGVFIGPADLSADMGYAGNPQHPEVQAAIEQAIVQIRESGKAPGILIAN
EQLAKRYLELGALFVAVGVDTTLLARAAEALAARFGAQATAVKPGVY
;
_entity_poly.pdbx_strand_id   A,B
#
# COMPACT_ATOMS: atom_id res chain seq x y z
N THR A 17 29.20 -3.09 19.19
CA THR A 17 27.75 -3.04 18.76
C THR A 17 27.20 -4.28 18.01
N GLU A 18 28.04 -5.02 17.28
CA GLU A 18 27.54 -6.25 16.63
C GLU A 18 27.13 -7.33 17.65
N ASN A 19 28.01 -7.58 18.63
CA ASN A 19 27.68 -8.47 19.76
C ASN A 19 26.35 -8.07 20.39
N LEU A 20 26.20 -6.78 20.69
CA LEU A 20 24.96 -6.19 21.22
C LEU A 20 23.76 -6.37 20.29
N TYR A 21 23.96 -6.24 18.98
CA TYR A 21 22.86 -6.45 18.03
C TYR A 21 22.40 -7.92 18.03
N PHE A 22 23.36 -8.85 18.06
CA PHE A 22 23.03 -10.28 17.96
C PHE A 22 22.38 -10.82 19.23
N GLN A 23 22.94 -10.48 20.39
CA GLN A 23 22.41 -10.89 21.70
C GLN A 23 21.04 -10.28 21.99
N GLY A 24 20.44 -9.68 20.98
CA GLY A 24 19.11 -9.12 21.10
C GLY A 24 18.27 -9.32 19.87
N ALA A 25 18.85 -9.90 18.81
CA ALA A 25 18.11 -10.13 17.55
C ALA A 25 16.88 -11.02 17.76
N MET A 26 17.80 -12.66 19.13
CA MET A 26 17.30 -13.98 19.56
C MET A 26 15.93 -13.81 20.21
N GLU A 27 15.80 -12.75 21.03
CA GLU A 27 14.67 -12.56 21.93
C GLU A 27 13.33 -12.28 21.22
N ASN A 28 12.31 -13.07 21.55
CA ASN A 28 10.97 -12.85 21.03
C ASN A 28 10.18 -11.94 21.97
N SER A 29 10.11 -10.65 21.62
CA SER A 29 9.46 -9.64 22.45
C SER A 29 7.93 -9.83 22.47
N PHE A 30 7.35 -10.24 21.34
CA PHE A 30 5.92 -10.55 21.28
C PHE A 30 5.56 -11.69 22.26
N LYS A 31 6.29 -12.79 22.20
CA LYS A 31 6.08 -13.93 23.12
C LYS A 31 6.23 -13.49 24.58
N ALA A 32 7.25 -12.68 24.87
CA ALA A 32 7.46 -12.19 26.23
C ALA A 32 6.28 -11.36 26.71
N ALA A 33 5.75 -10.50 25.85
CA ALA A 33 4.62 -9.63 26.21
C ALA A 33 3.33 -10.44 26.46
N LEU A 34 3.09 -11.46 25.62
CA LEU A 34 1.96 -12.36 25.80
C LEU A 34 2.03 -13.14 27.12
N LYS A 35 3.22 -13.64 27.46
CA LYS A 35 3.43 -14.37 28.71
C LYS A 35 3.15 -13.49 29.93
N ALA A 36 3.48 -12.20 29.83
CA ALA A 36 3.31 -11.24 30.94
C ALA A 36 1.88 -10.68 31.05
N GLY A 37 1.01 -11.11 30.13
CA GLY A 37 -0.37 -10.62 30.06
C GLY A 37 -0.52 -9.19 29.59
N ARG A 38 0.46 -8.68 28.83
CA ARG A 38 0.37 -7.35 28.21
C ARG A 38 -0.44 -7.45 26.91
N PRO A 39 -1.61 -6.75 26.82
CA PRO A 39 -2.39 -6.81 25.56
C PRO A 39 -1.59 -6.23 24.39
N GLN A 40 -1.66 -6.87 23.22
CA GLN A 40 -0.91 -6.43 22.05
C GLN A 40 -1.86 -6.03 20.93
N ILE A 41 -1.75 -4.80 20.46
CA ILE A 41 -2.60 -4.28 19.39
C ILE A 41 -1.93 -4.49 18.04
N GLY A 42 -2.64 -5.13 17.11
CA GLY A 42 -2.07 -5.55 15.83
C GLY A 42 -2.72 -4.95 14.59
N LEU A 43 -1.94 -4.91 13.52
CA LEU A 43 -2.48 -4.62 12.19
C LEU A 43 -2.14 -5.76 11.21
N TRP A 44 -3.13 -6.17 10.43
CA TRP A 44 -2.98 -7.21 9.42
C TRP A 44 -2.33 -6.62 8.16
N LEU A 45 -1.35 -7.33 7.59
CA LEU A 45 -0.69 -6.90 6.37
C LEU A 45 -1.02 -7.81 5.20
N GLY A 46 -1.94 -7.37 4.35
CA GLY A 46 -2.22 -8.04 3.09
C GLY A 46 -1.67 -7.36 1.84
N LEU A 47 -0.96 -6.24 1.98
CA LEU A 47 -0.46 -5.52 0.78
C LEU A 47 0.71 -6.21 0.09
N SER A 48 1.34 -7.16 0.79
CA SER A 48 2.37 -8.02 0.22
C SER A 48 3.54 -7.20 -0.32
N SER A 49 3.92 -6.17 0.44
CA SER A 49 4.95 -5.24 -0.05
C SER A 49 5.90 -4.90 1.08
N SER A 50 7.20 -5.04 0.84
CA SER A 50 8.18 -4.63 1.84
C SER A 50 8.15 -3.10 2.06
N TYR A 51 7.65 -2.36 1.07
CA TYR A 51 7.64 -0.90 1.12
C TYR A 51 6.54 -0.39 2.05
N SER A 52 5.29 -0.81 1.79
CA SER A 52 4.21 -0.47 2.70
C SER A 52 4.40 -1.12 4.08
N ALA A 53 5.03 -2.30 4.17
CA ALA A 53 5.32 -2.88 5.51
C ALA A 53 6.16 -1.95 6.36
N GLU A 54 7.19 -1.34 5.79
CA GLU A 54 8.05 -0.41 6.54
C GLU A 54 7.25 0.82 6.96
N LEU A 55 6.49 1.38 6.01
CA LEU A 55 5.62 2.50 6.29
C LEU A 55 4.72 2.18 7.49
N LEU A 56 4.09 1.01 7.50
CA LEU A 56 3.18 0.61 8.58
C LEU A 56 3.86 0.20 9.90
N ALA A 57 5.13 -0.19 9.81
CA ALA A 57 5.94 -0.50 10.99
C ALA A 57 6.20 0.77 11.85
N GLY A 58 6.03 1.95 11.26
CA GLY A 58 6.22 3.21 11.96
C GLY A 58 4.95 3.76 12.58
N ALA A 59 3.81 3.08 12.37
CA ALA A 59 2.52 3.62 12.82
C ALA A 59 2.19 3.40 14.31
N GLY A 60 2.90 2.52 15.01
CA GLY A 60 2.69 2.36 16.45
C GLY A 60 2.02 1.09 16.94
N PHE A 61 1.81 0.12 16.06
CA PHE A 61 1.24 -1.18 16.43
C PHE A 61 2.22 -2.05 17.21
N ASP A 62 1.69 -2.85 18.14
CA ASP A 62 2.53 -3.81 18.86
C ASP A 62 3.01 -4.95 17.95
N TRP A 63 2.14 -5.36 17.01
CA TRP A 63 2.44 -6.45 16.09
C TRP A 63 1.82 -6.23 14.74
N LEU A 64 2.42 -6.86 13.74
CA LEU A 64 1.99 -6.82 12.35
C LEU A 64 1.91 -8.26 11.84
N LEU A 65 0.78 -8.60 11.22
CA LEU A 65 0.57 -9.95 10.72
C LEU A 65 0.85 -9.99 9.22
N ILE A 66 1.92 -10.69 8.83
CA ILE A 66 2.23 -10.89 7.43
C ILE A 66 1.46 -12.14 6.96
N ASP A 67 0.44 -11.92 6.14
CA ASP A 67 -0.54 -12.96 5.81
C ASP A 67 -0.10 -13.79 4.60
N GLY A 68 0.33 -15.03 4.83
CA GLY A 68 0.67 -15.94 3.72
C GLY A 68 -0.46 -16.88 3.30
N GLU A 69 -1.62 -16.73 3.96
CA GLU A 69 -2.80 -17.52 3.62
C GLU A 69 -3.75 -16.82 2.64
N HIS A 70 -4.06 -15.56 2.92
CA HIS A 70 -5.11 -14.84 2.17
C HIS A 70 -4.59 -13.62 1.39
N ALA A 71 -3.28 -13.44 1.40
CA ALA A 71 -2.63 -12.38 0.61
C ALA A 71 -1.58 -13.04 -0.28
N PRO A 72 -1.25 -12.42 -1.43
CA PRO A 72 -0.26 -13.06 -2.32
C PRO A 72 1.19 -12.98 -1.82
N ASN A 73 1.45 -13.62 -0.68
CA ASN A 73 2.79 -13.70 -0.11
C ASN A 73 3.38 -15.09 -0.29
N ASN A 74 4.70 -15.15 -0.30
CA ASN A 74 5.41 -16.41 -0.20
C ASN A 74 6.61 -16.27 0.76
N VAL A 75 7.46 -17.28 0.85
CA VAL A 75 8.60 -17.24 1.77
C VAL A 75 9.50 -16.02 1.43
N GLN A 76 9.66 -15.77 0.14
CA GLN A 76 10.49 -14.69 -0.37
C GLN A 76 10.00 -13.29 0.03
N THR A 77 8.71 -13.04 -0.11
CA THR A 77 8.11 -11.75 0.28
C THR A 77 8.00 -11.63 1.81
N VAL A 78 7.81 -12.74 2.51
CA VAL A 78 7.87 -12.71 3.96
C VAL A 78 9.24 -12.20 4.41
N LEU A 79 10.30 -12.78 3.84
CA LEU A 79 11.67 -12.37 4.13
C LEU A 79 11.89 -10.84 3.99
N THR A 80 11.50 -10.26 2.85
CA THR A 80 11.72 -8.83 2.64
C THR A 80 10.85 -7.96 3.55
N GLN A 81 9.65 -8.43 3.89
CA GLN A 81 8.83 -7.74 4.91
C GLN A 81 9.43 -7.80 6.31
N LEU A 82 10.00 -8.95 6.69
CA LEU A 82 10.74 -9.05 7.96
C LEU A 82 11.92 -8.07 8.02
N GLN A 83 12.68 -7.97 6.92
CA GLN A 83 13.81 -7.03 6.82
C GLN A 83 13.36 -5.57 6.95
N ALA A 84 12.26 -5.22 6.26
CA ALA A 84 11.68 -3.88 6.31
C ALA A 84 11.28 -3.46 7.75
N ILE A 85 10.58 -4.36 8.45
CA ILE A 85 10.02 -4.18 9.80
C ILE A 85 11.10 -4.21 10.90
N ALA A 86 12.20 -4.93 10.64
CA ALA A 86 13.24 -5.21 11.66
C ALA A 86 13.67 -4.06 12.61
N PRO A 87 13.96 -2.84 12.08
CA PRO A 87 14.46 -1.82 13.03
C PRO A 87 13.39 -1.12 13.88
N TYR A 88 12.12 -1.40 13.62
CA TYR A 88 10.99 -0.75 14.28
C TYR A 88 10.57 -1.49 15.52
N PRO A 89 9.86 -0.80 16.44
CA PRO A 89 9.39 -1.53 17.63
C PRO A 89 8.29 -2.57 17.37
N SER A 90 7.55 -2.45 16.26
CA SER A 90 6.47 -3.38 15.94
C SER A 90 7.01 -4.78 15.63
N GLN A 91 6.36 -5.79 16.20
CA GLN A 91 6.83 -7.17 16.11
C GLN A 91 6.07 -7.94 15.04
N PRO A 92 6.82 -8.70 14.18
CA PRO A 92 6.21 -9.45 13.09
C PRO A 92 5.67 -10.82 13.52
N VAL A 93 4.48 -11.12 13.02
CA VAL A 93 3.86 -12.44 13.18
C VAL A 93 3.56 -12.89 11.75
N VAL A 94 3.76 -14.17 11.47
CA VAL A 94 3.57 -14.67 10.09
C VAL A 94 2.50 -15.76 10.06
N ARG A 95 1.56 -15.65 9.12
CA ARG A 95 0.58 -16.71 8.91
C ARG A 95 0.96 -17.55 7.68
N PRO A 96 1.34 -18.83 7.87
CA PRO A 96 1.57 -19.75 6.74
C PRO A 96 0.24 -20.07 6.03
N SER A 97 0.28 -20.56 4.80
CA SER A 97 -0.97 -20.85 4.09
C SER A 97 -1.77 -21.98 4.74
N TRP A 98 -1.07 -22.86 5.47
CA TRP A 98 -1.68 -23.93 6.24
C TRP A 98 -0.68 -24.52 7.22
N ASN A 99 -1.15 -25.48 8.02
CA ASN A 99 -0.34 -26.18 9.02
C ASN A 99 0.58 -27.21 8.32
N ASP A 100 1.59 -26.68 7.64
CA ASP A 100 2.45 -27.45 6.75
C ASP A 100 3.86 -27.41 7.32
N PRO A 101 4.40 -28.54 7.80
CA PRO A 101 5.74 -28.52 8.41
C PRO A 101 6.85 -28.01 7.48
N VAL A 102 6.74 -28.26 6.18
CA VAL A 102 7.75 -27.85 5.22
C VAL A 102 7.78 -26.31 5.12
N GLN A 103 6.62 -25.72 4.86
CA GLN A 103 6.48 -24.27 4.81
C GLN A 103 6.87 -23.61 6.13
N ILE A 104 6.45 -24.21 7.25
CA ILE A 104 6.86 -23.70 8.57
C ILE A 104 8.39 -23.66 8.74
N LYS A 105 9.06 -24.76 8.40
CA LYS A 105 10.53 -24.83 8.36
C LYS A 105 11.15 -23.65 7.56
N GLN A 106 10.60 -23.40 6.38
CA GLN A 106 11.16 -22.39 5.49
C GLN A 106 10.93 -21.00 6.05
N LEU A 107 9.75 -20.77 6.62
CA LEU A 107 9.42 -19.51 7.30
C LEU A 107 10.32 -19.26 8.51
N LEU A 108 10.56 -20.29 9.30
CA LEU A 108 11.48 -20.16 10.45
C LEU A 108 12.91 -19.82 10.05
N ASP A 109 13.42 -20.45 8.98
CA ASP A 109 14.81 -20.21 8.55
C ASP A 109 15.05 -18.78 8.03
N VAL A 110 14.03 -18.14 7.44
CA VAL A 110 14.12 -16.73 7.04
C VAL A 110 13.96 -15.76 8.23
N GLY A 111 13.70 -16.30 9.43
CA GLY A 111 13.69 -15.52 10.65
C GLY A 111 12.35 -15.40 11.38
N THR A 112 11.31 -16.10 10.92
CA THR A 112 10.00 -16.04 11.60
C THR A 112 10.07 -16.68 13.01
N GLN A 113 9.63 -15.97 14.06
CA GLN A 113 9.62 -16.57 15.41
C GLN A 113 8.22 -16.72 15.96
N THR A 114 7.26 -16.01 15.36
CA THR A 114 5.86 -16.06 15.81
C THR A 114 4.96 -16.44 14.63
N LEU A 115 4.28 -17.58 14.77
CA LEU A 115 3.44 -18.11 13.70
C LEU A 115 1.99 -18.11 14.11
N LEU A 116 1.13 -17.71 13.19
CA LEU A 116 -0.30 -17.84 13.35
C LEU A 116 -0.80 -18.93 12.39
N VAL A 117 -1.12 -20.11 12.92
CA VAL A 117 -1.37 -21.28 12.11
C VAL A 117 -2.88 -21.46 11.85
N PRO A 118 -3.30 -21.37 10.57
CA PRO A 118 -4.73 -21.43 10.24
C PRO A 118 -5.32 -22.83 10.39
N MET A 119 -6.63 -22.87 10.63
CA MET A 119 -7.42 -24.10 10.55
C MET A 119 -6.90 -25.25 11.39
N VAL A 120 -6.50 -24.96 12.63
CA VAL A 120 -6.13 -26.01 13.56
C VAL A 120 -7.41 -26.57 14.21
N GLN A 121 -7.70 -27.84 13.97
CA GLN A 121 -9.01 -28.45 14.25
C GLN A 121 -9.05 -29.23 15.55
N ASN A 122 -7.88 -29.65 16.02
CA ASN A 122 -7.78 -30.54 17.18
C ASN A 122 -6.38 -30.49 17.81
N ALA A 123 -6.20 -31.19 18.93
CA ALA A 123 -4.94 -31.19 19.66
C ALA A 123 -3.79 -31.82 18.87
N ASP A 124 -4.07 -32.86 18.08
CA ASP A 124 -3.02 -33.49 17.26
C ASP A 124 -2.42 -32.47 16.28
N GLU A 125 -3.28 -31.69 15.65
CA GLU A 125 -2.86 -30.65 14.71
C GLU A 125 -2.10 -29.50 15.36
N ALA A 126 -2.55 -29.09 16.54
CA ALA A 126 -1.84 -28.11 17.38
C ALA A 126 -0.44 -28.62 17.76
N ARG A 127 -0.38 -29.88 18.19
CA ARG A 127 0.89 -30.52 18.53
C ARG A 127 1.85 -30.56 17.32
N GLU A 128 1.32 -30.91 16.13
CA GLU A 128 2.11 -30.91 14.89
C GLU A 128 2.67 -29.52 14.58
N ALA A 129 1.87 -28.49 14.83
CA ALA A 129 2.28 -27.10 14.61
C ALA A 129 3.45 -26.75 15.53
N VAL A 130 3.32 -27.09 16.81
CA VAL A 130 4.37 -26.87 17.79
C VAL A 130 5.67 -27.59 17.42
N ARG A 131 5.56 -28.87 17.08
CA ARG A 131 6.72 -29.71 16.76
C ARG A 131 7.48 -29.27 15.50
N ALA A 132 6.75 -28.73 14.51
CA ALA A 132 7.36 -28.15 13.30
C ALA A 132 8.31 -27.01 13.63
N THR A 133 8.13 -26.39 14.80
CA THR A 133 8.92 -25.19 15.16
C THR A 133 10.12 -25.49 16.05
N ARG A 134 10.28 -26.75 16.45
CA ARG A 134 11.29 -27.11 17.46
C ARG A 134 12.28 -28.14 16.97
N TYR A 135 13.55 -27.88 17.26
CA TYR A 135 14.61 -28.82 16.96
C TYR A 135 14.46 -30.09 17.78
N PRO A 136 14.92 -31.25 17.24
CA PRO A 136 14.94 -32.49 18.01
C PRO A 136 15.69 -32.26 19.34
N PRO A 137 15.29 -32.96 20.42
CA PRO A 137 14.22 -33.96 20.48
C PRO A 137 12.79 -33.42 20.67
N ALA A 138 12.65 -32.11 20.88
CA ALA A 138 11.34 -31.52 21.17
C ALA A 138 10.47 -31.33 19.92
N GLY A 139 11.06 -31.51 18.74
CA GLY A 139 10.30 -31.41 17.49
C GLY A 139 11.06 -31.96 16.30
N ILE A 140 10.65 -31.52 15.12
CA ILE A 140 11.17 -32.06 13.87
C ILE A 140 11.75 -30.98 12.96
N ARG A 141 11.97 -29.78 13.50
CA ARG A 141 12.59 -28.70 12.74
C ARG A 141 13.93 -29.16 12.12
N GLY A 142 14.03 -29.01 10.80
CA GLY A 142 15.25 -29.36 10.07
C GLY A 142 16.35 -28.34 10.33
N VAL A 143 17.58 -28.84 10.37
CA VAL A 143 18.75 -28.04 10.72
C VAL A 143 19.51 -27.55 9.50
N GLY A 144 19.57 -26.23 9.36
CA GLY A 144 20.34 -25.59 8.30
C GLY A 144 20.65 -24.16 8.71
N SER A 145 21.24 -23.99 9.90
CA SER A 145 21.40 -22.66 10.53
C SER A 145 22.57 -21.84 9.96
N ALA A 146 23.52 -22.46 9.30
CA ALA A 146 24.55 -21.72 8.58
C ALA A 146 23.96 -20.94 7.41
N LEU A 147 22.90 -21.48 6.82
CA LEU A 147 22.28 -20.91 5.61
C LEU A 147 21.24 -19.84 5.93
N ALA A 148 20.82 -19.78 7.18
CA ALA A 148 19.57 -19.11 7.51
C ALA A 148 19.75 -17.72 8.10
N ARG A 149 18.87 -16.80 7.70
CA ARG A 149 18.73 -15.53 8.39
C ARG A 149 18.33 -15.70 9.88
N ALA A 150 17.57 -16.74 10.21
CA ALA A 150 17.20 -17.01 11.63
C ALA A 150 18.37 -16.93 12.62
N SER A 151 19.52 -17.47 12.24
CA SER A 151 20.69 -17.46 13.13
C SER A 151 21.63 -16.31 12.77
N ARG A 152 21.19 -15.44 11.86
CA ARG A 152 22.04 -14.46 11.17
C ARG A 152 23.29 -15.10 10.64
N TRP A 153 23.10 -16.20 9.90
CA TRP A 153 24.19 -16.95 9.26
C TRP A 153 25.29 -17.34 10.26
N ASN A 154 24.80 -17.85 11.40
CA ASN A 154 25.60 -18.33 12.52
C ASN A 154 26.28 -17.26 13.37
N ARG A 155 25.83 -16.01 13.27
CA ARG A 155 26.45 -14.96 14.09
C ARG A 155 25.78 -14.84 15.46
N ILE A 156 24.58 -15.40 15.59
CA ILE A 156 23.93 -15.53 16.89
C ILE A 156 24.56 -16.73 17.62
N PRO A 157 25.24 -16.47 18.75
CA PRO A 157 25.91 -17.56 19.46
C PRO A 157 24.90 -18.55 20.05
N ASP A 158 25.26 -19.83 20.00
CA ASP A 158 24.43 -20.92 20.54
C ASP A 158 22.99 -20.86 20.02
N TYR A 159 22.81 -20.60 18.73
CA TYR A 159 21.48 -20.50 18.15
C TYR A 159 20.66 -21.79 18.31
N LEU A 160 21.27 -22.92 17.99
CA LEU A 160 20.59 -24.22 18.04
C LEU A 160 20.05 -24.53 19.43
N GLN A 161 20.72 -24.01 20.45
CA GLN A 161 20.34 -24.27 21.85
C GLN A 161 19.30 -23.27 22.38
N LYS A 162 19.25 -22.08 21.78
CA LYS A 162 18.34 -21.01 22.22
C LYS A 162 17.06 -20.87 21.40
N ALA A 163 17.03 -21.49 20.21
CA ALA A 163 15.94 -21.26 19.25
C ALA A 163 14.55 -21.70 19.74
N ASN A 164 14.44 -22.92 20.23
CA ASN A 164 13.13 -23.50 20.61
C ASN A 164 12.34 -22.62 21.55
N ASP A 165 13.00 -22.09 22.58
CA ASP A 165 12.35 -21.32 23.64
C ASP A 165 11.81 -19.97 23.18
N GLN A 166 12.34 -19.47 22.06
CA GLN A 166 11.91 -18.17 21.51
C GLN A 166 10.85 -18.31 20.42
N MET A 167 10.43 -19.54 20.11
CA MET A 167 9.34 -19.79 19.17
C MET A 167 7.99 -19.58 19.84
N CYS A 168 7.08 -18.92 19.14
CA CYS A 168 5.77 -18.58 19.68
C CYS A 168 4.70 -19.06 18.70
N VAL A 169 3.94 -20.09 19.11
CA VAL A 169 2.97 -20.72 18.21
C VAL A 169 1.54 -20.31 18.59
N LEU A 170 0.82 -19.74 17.62
CA LEU A 170 -0.55 -19.30 17.82
C LEU A 170 -1.38 -20.14 16.86
N VAL A 171 -2.46 -20.73 17.35
CA VAL A 171 -3.29 -21.62 16.51
C VAL A 171 -4.66 -21.00 16.31
N GLN A 172 -5.16 -21.06 15.08
CA GLN A 172 -6.48 -20.52 14.77
C GLN A 172 -7.56 -21.58 14.95
N ILE A 173 -8.59 -21.23 15.70
CA ILE A 173 -9.78 -22.07 15.79
C ILE A 173 -10.88 -21.41 14.95
N GLU A 174 -11.36 -22.12 13.93
CA GLU A 174 -12.16 -21.49 12.87
C GLU A 174 -13.43 -22.24 12.53
N THR A 175 -13.72 -23.32 13.27
CA THR A 175 -14.87 -24.14 12.96
C THR A 175 -15.53 -24.59 14.27
N ARG A 176 -16.77 -25.06 14.19
CA ARG A 176 -17.43 -25.67 15.33
C ARG A 176 -16.66 -26.89 15.87
N GLU A 177 -16.13 -27.72 14.98
CA GLU A 177 -15.26 -28.83 15.41
C GLU A 177 -14.10 -28.32 16.30
N ALA A 178 -13.45 -27.24 15.86
CA ALA A 178 -12.32 -26.64 16.58
C ALA A 178 -12.72 -26.09 17.94
N MET A 179 -13.87 -25.41 18.01
CA MET A 179 -14.44 -24.93 19.28
C MET A 179 -14.74 -26.06 20.27
N LYS A 180 -15.22 -27.20 19.77
CA LYS A 180 -15.47 -28.37 20.62
C LYS A 180 -14.17 -28.94 21.18
N ASN A 181 -13.11 -28.90 20.37
CA ASN A 181 -11.80 -29.42 20.74
C ASN A 181 -10.94 -28.45 21.53
N LEU A 182 -11.47 -27.26 21.80
CA LEU A 182 -10.73 -26.19 22.47
C LEU A 182 -10.08 -26.59 23.82
N PRO A 183 -10.81 -27.28 24.72
CA PRO A 183 -10.14 -27.70 25.95
C PRO A 183 -8.87 -28.52 25.71
N GLN A 184 -8.89 -29.44 24.74
CA GLN A 184 -7.75 -30.30 24.45
C GLN A 184 -6.63 -29.55 23.73
N ILE A 185 -7.00 -28.70 22.79
CA ILE A 185 -6.06 -27.79 22.14
C ILE A 185 -5.30 -26.96 23.19
N LEU A 186 -6.02 -26.51 24.21
CA LEU A 186 -5.44 -25.64 25.25
C LEU A 186 -4.49 -26.41 26.18
N ASP A 187 -4.64 -27.73 26.24
CA ASP A 187 -3.74 -28.60 27.00
C ASP A 187 -2.41 -28.91 26.29
N VAL A 188 -2.26 -28.48 25.04
CA VAL A 188 -1.05 -28.76 24.26
C VAL A 188 0.08 -27.81 24.66
N GLU A 189 1.18 -28.39 25.14
CA GLU A 189 2.37 -27.63 25.51
C GLU A 189 2.98 -27.01 24.26
N GLY A 190 3.30 -25.72 24.34
CA GLY A 190 3.85 -25.00 23.20
C GLY A 190 2.84 -24.16 22.46
N VAL A 191 1.55 -24.42 22.67
CA VAL A 191 0.50 -23.54 22.13
C VAL A 191 0.45 -22.32 23.05
N ASP A 192 0.96 -21.19 22.58
CA ASP A 192 1.05 -19.97 23.39
C ASP A 192 -0.22 -19.13 23.33
N GLY A 193 -0.91 -19.20 22.20
CA GLY A 193 -2.13 -18.44 22.05
C GLY A 193 -3.11 -19.13 21.14
N VAL A 194 -4.38 -18.79 21.30
CA VAL A 194 -5.44 -19.35 20.49
C VAL A 194 -6.20 -18.18 19.87
N PHE A 195 -6.29 -18.20 18.55
CA PHE A 195 -6.84 -17.10 17.80
C PHE A 195 -8.16 -17.57 17.23
N ILE A 196 -9.20 -16.74 17.37
CA ILE A 196 -10.48 -17.05 16.79
C ILE A 196 -10.63 -16.25 15.52
N GLY A 197 -10.95 -16.94 14.41
CA GLY A 197 -11.25 -16.29 13.13
C GLY A 197 -12.77 -16.16 12.95
N PRO A 198 -13.32 -14.97 13.22
CA PRO A 198 -14.78 -14.81 13.28
C PRO A 198 -15.47 -15.06 11.94
N ALA A 199 -14.82 -14.71 10.82
CA ALA A 199 -15.39 -14.90 9.48
C ALA A 199 -15.49 -16.38 9.09
N ASP A 200 -14.38 -17.12 9.24
CA ASP A 200 -14.38 -18.57 9.00
C ASP A 200 -15.34 -19.26 9.98
N LEU A 201 -15.32 -18.84 11.25
CA LEU A 201 -16.20 -19.42 12.24
C LEU A 201 -17.69 -19.22 11.90
N SER A 202 -18.09 -17.98 11.61
CA SER A 202 -19.48 -17.69 11.28
C SER A 202 -19.91 -18.42 10.02
N ALA A 203 -18.99 -18.52 9.04
CA ALA A 203 -19.23 -19.32 7.83
C ALA A 203 -19.54 -20.78 8.18
N ASP A 204 -18.71 -21.39 9.01
CA ASP A 204 -18.94 -22.77 9.48
C ASP A 204 -20.24 -22.94 10.30
N MET A 205 -20.62 -21.91 11.04
CA MET A 205 -21.83 -21.93 11.86
C MET A 205 -23.11 -21.65 11.06
N GLY A 206 -22.95 -21.29 9.78
CA GLY A 206 -24.09 -21.04 8.89
C GLY A 206 -24.49 -19.59 8.69
N TYR A 207 -23.54 -18.68 8.92
CA TYR A 207 -23.81 -17.24 8.83
C TYR A 207 -22.99 -16.53 7.73
N ALA A 208 -22.36 -17.33 6.88
CA ALA A 208 -21.71 -16.88 5.63
C ALA A 208 -20.63 -15.82 5.79
N GLY A 209 -19.77 -16.00 6.80
CA GLY A 209 -18.62 -15.12 7.01
C GLY A 209 -18.94 -13.78 7.65
N ASN A 210 -20.21 -13.59 8.01
CA ASN A 210 -20.71 -12.39 8.71
C ASN A 210 -20.91 -12.64 10.23
N PRO A 211 -19.95 -12.19 11.06
CA PRO A 211 -19.88 -12.58 12.48
C PRO A 211 -20.86 -11.85 13.41
N GLN A 212 -21.51 -10.80 12.90
CA GLN A 212 -22.43 -9.99 13.69
C GLN A 212 -23.82 -10.64 13.82
N HIS A 213 -23.84 -11.76 14.55
CA HIS A 213 -25.04 -12.51 14.90
C HIS A 213 -24.83 -13.00 16.34
N PRO A 214 -25.88 -12.92 17.19
CA PRO A 214 -25.78 -13.30 18.60
C PRO A 214 -25.07 -14.63 18.88
N GLU A 215 -25.37 -15.65 18.10
CA GLU A 215 -24.82 -17.01 18.32
C GLU A 215 -23.31 -17.06 18.09
N VAL A 216 -22.83 -16.32 17.10
CA VAL A 216 -21.40 -16.24 16.79
C VAL A 216 -20.67 -15.44 17.89
N GLN A 217 -21.23 -14.29 18.27
CA GLN A 217 -20.66 -13.46 19.33
C GLN A 217 -20.54 -14.18 20.67
N ALA A 218 -21.58 -14.92 21.04
CA ALA A 218 -21.58 -15.77 22.23
C ALA A 218 -20.48 -16.83 22.22
N ALA A 219 -20.32 -17.54 21.10
CA ALA A 219 -19.23 -18.52 20.97
C ALA A 219 -17.83 -17.87 21.08
N ILE A 220 -17.69 -16.70 20.46
CA ILE A 220 -16.44 -15.94 20.52
C ILE A 220 -16.10 -15.52 21.95
N GLU A 221 -17.08 -14.94 22.63
CA GLU A 221 -16.94 -14.47 24.01
C GLU A 221 -16.57 -15.63 24.94
N GLN A 222 -17.33 -16.72 24.89
CA GLN A 222 -17.05 -17.95 25.65
C GLN A 222 -15.64 -18.50 25.39
N ALA A 223 -15.21 -18.52 24.13
CA ALA A 223 -13.87 -19.00 23.80
C ALA A 223 -12.78 -18.09 24.37
N ILE A 224 -12.92 -16.79 24.20
CA ILE A 224 -11.96 -15.84 24.78
C ILE A 224 -11.78 -16.09 26.29
N VAL A 225 -12.89 -16.17 27.00
CA VAL A 225 -12.90 -16.41 28.44
C VAL A 225 -12.23 -17.75 28.78
N GLN A 226 -12.64 -18.82 28.10
CA GLN A 226 -12.04 -20.14 28.26
C GLN A 226 -10.52 -20.17 28.00
N ILE A 227 -10.08 -19.60 26.88
CA ILE A 227 -8.64 -19.48 26.59
C ILE A 227 -7.88 -18.79 27.73
N ARG A 228 -8.37 -17.63 28.16
CA ARG A 228 -7.68 -16.83 29.16
C ARG A 228 -7.63 -17.52 30.53
N GLU A 229 -8.69 -18.26 30.89
CA GLU A 229 -8.73 -19.00 32.14
C GLU A 229 -7.75 -20.16 32.20
N SER A 230 -7.39 -20.69 31.04
CA SER A 230 -6.40 -21.76 30.98
C SER A 230 -4.96 -21.22 31.04
N GLY A 231 -4.80 -19.91 31.15
CA GLY A 231 -3.48 -19.29 31.20
C GLY A 231 -2.82 -19.02 29.86
N LYS A 232 -3.55 -19.23 28.76
CA LYS A 232 -3.03 -18.97 27.42
C LYS A 232 -3.57 -17.62 26.91
N ALA A 233 -2.99 -17.12 25.82
CA ALA A 233 -3.38 -15.82 25.25
C ALA A 233 -4.49 -15.97 24.21
N PRO A 234 -5.63 -15.27 24.40
CA PRO A 234 -6.65 -15.23 23.35
C PRO A 234 -6.34 -14.21 22.24
N GLY A 235 -6.66 -14.56 21.01
CA GLY A 235 -6.39 -13.67 19.88
C GLY A 235 -7.59 -13.58 18.97
N ILE A 236 -7.65 -12.48 18.20
CA ILE A 236 -8.76 -12.23 17.29
C ILE A 236 -8.41 -11.09 16.35
N LEU A 237 -9.02 -11.10 15.16
CA LEU A 237 -9.01 -9.96 14.25
C LEU A 237 -10.42 -9.40 14.19
N ILE A 238 -10.55 -8.10 14.36
CA ILE A 238 -11.85 -7.45 14.34
C ILE A 238 -11.74 -6.00 13.88
N ALA A 239 -12.43 -5.67 12.80
CA ALA A 239 -12.37 -4.31 12.24
C ALA A 239 -13.26 -3.31 13.01
N ASN A 240 -14.30 -3.81 13.67
CA ASN A 240 -15.19 -2.97 14.48
C ASN A 240 -14.56 -2.63 15.83
N GLU A 241 -14.29 -1.34 16.06
CA GLU A 241 -13.57 -0.87 17.27
C GLU A 241 -14.25 -1.22 18.60
N GLN A 242 -15.56 -1.09 18.65
CA GLN A 242 -16.29 -1.38 19.88
C GLN A 242 -16.28 -2.88 20.24
N LEU A 243 -16.42 -3.75 19.24
CA LEU A 243 -16.20 -5.18 19.45
C LEU A 243 -14.77 -5.47 19.92
N ALA A 244 -13.79 -4.76 19.37
CA ALA A 244 -12.39 -4.95 19.75
C ALA A 244 -12.15 -4.65 21.23
N LYS A 245 -12.68 -3.52 21.69
CA LYS A 245 -12.61 -3.12 23.11
C LYS A 245 -13.30 -4.13 24.03
N ARG A 246 -14.46 -4.62 23.60
CA ARG A 246 -15.17 -5.66 24.35
C ARG A 246 -14.32 -6.92 24.53
N TYR A 247 -13.71 -7.40 23.45
CA TYR A 247 -12.85 -8.58 23.50
C TYR A 247 -11.61 -8.34 24.37
N LEU A 248 -11.04 -7.14 24.29
CA LEU A 248 -9.97 -6.72 25.20
C LEU A 248 -10.42 -6.75 26.66
N GLU A 249 -11.57 -6.11 26.95
CA GLU A 249 -12.25 -6.16 28.26
C GLU A 249 -12.37 -7.61 28.80
N LEU A 250 -12.67 -8.55 27.91
CA LEU A 250 -12.89 -9.94 28.28
C LEU A 250 -11.62 -10.76 28.50
N GLY A 251 -10.47 -10.23 28.08
CA GLY A 251 -9.20 -10.88 28.36
C GLY A 251 -8.35 -11.22 27.16
N ALA A 252 -8.76 -10.81 25.96
CA ALA A 252 -7.98 -11.06 24.74
C ALA A 252 -6.65 -10.32 24.84
N LEU A 253 -5.59 -10.97 24.38
CA LEU A 253 -4.23 -10.46 24.56
C LEU A 253 -3.50 -10.14 23.26
N PHE A 254 -3.98 -10.67 22.14
CA PHE A 254 -3.47 -10.25 20.82
C PHE A 254 -4.58 -9.95 19.85
N VAL A 255 -4.83 -8.67 19.66
CA VAL A 255 -6.03 -8.24 18.97
C VAL A 255 -5.62 -7.35 17.80
N ALA A 256 -5.86 -7.85 16.59
CA ALA A 256 -5.66 -7.08 15.37
C ALA A 256 -6.93 -6.27 15.11
N VAL A 257 -6.77 -4.98 14.94
CA VAL A 257 -7.90 -4.05 14.96
C VAL A 257 -8.17 -3.44 13.57
N GLY A 258 -7.42 -3.88 12.55
CA GLY A 258 -7.66 -3.45 11.17
C GLY A 258 -6.75 -4.18 10.21
N VAL A 259 -6.94 -3.90 8.92
CA VAL A 259 -6.28 -4.58 7.82
C VAL A 259 -5.81 -3.46 6.90
N ASP A 260 -4.53 -3.51 6.52
CA ASP A 260 -3.96 -2.46 5.66
C ASP A 260 -4.73 -2.19 4.37
N THR A 261 -5.12 -3.24 3.63
CA THR A 261 -5.88 -3.06 2.39
C THR A 261 -7.21 -2.33 2.64
N THR A 262 -7.89 -2.69 3.74
CA THR A 262 -9.14 -2.08 4.12
C THR A 262 -8.94 -0.63 4.54
N LEU A 263 -7.97 -0.36 5.41
CA LEU A 263 -7.65 1.02 5.78
C LEU A 263 -7.44 1.89 4.56
N LEU A 264 -6.67 1.37 3.59
CA LEU A 264 -6.34 2.12 2.40
C LEU A 264 -7.57 2.30 1.51
N ALA A 265 -8.26 1.21 1.20
CA ALA A 265 -9.46 1.26 0.38
C ALA A 265 -10.52 2.20 0.95
N ARG A 266 -10.80 2.12 2.25
CA ARG A 266 -11.87 2.94 2.85
C ARG A 266 -11.50 4.43 2.90
N ALA A 267 -10.25 4.76 3.22
CA ALA A 267 -9.79 6.17 3.29
C ALA A 267 -9.84 6.84 1.90
N ALA A 268 -9.43 6.11 0.86
CA ALA A 268 -9.46 6.59 -0.52
C ALA A 268 -10.91 6.79 -1.04
N GLU A 269 -11.77 5.84 -0.71
CA GLU A 269 -13.17 5.90 -1.09
C GLU A 269 -13.85 7.12 -0.47
N ALA A 270 -13.66 7.29 0.84
CA ALA A 270 -14.30 8.39 1.56
C ALA A 270 -13.79 9.74 1.02
N LEU A 271 -12.49 9.84 0.78
CA LEU A 271 -11.88 11.01 0.18
C LEU A 271 -12.47 11.35 -1.20
N ALA A 272 -12.48 10.37 -2.11
CA ALA A 272 -13.11 10.56 -3.42
C ALA A 272 -14.58 11.05 -3.29
N ALA A 273 -15.34 10.42 -2.41
CA ALA A 273 -16.76 10.75 -2.23
C ALA A 273 -16.98 12.17 -1.73
N ARG A 274 -16.08 12.67 -0.88
CA ARG A 274 -16.18 14.03 -0.36
C ARG A 274 -16.05 15.10 -1.44
N PHE A 275 -15.50 14.72 -2.60
CA PHE A 275 -15.35 15.63 -3.73
C PHE A 275 -16.34 15.32 -4.84
N GLY A 276 -17.16 14.30 -4.64
CA GLY A 276 -17.99 13.74 -5.72
C GLY A 276 -17.12 13.35 -6.92
N ALA A 277 -16.13 12.58 -6.82
N THR B 17 -15.31 -8.01 -30.48
CA THR B 17 -14.82 -7.26 -29.27
C THR B 17 -13.38 -6.77 -29.30
N GLU B 18 -12.44 -7.51 -29.92
CA GLU B 18 -11.03 -7.03 -29.94
C GLU B 18 -10.95 -5.69 -30.66
N ASN B 19 -11.58 -5.66 -31.84
CA ASN B 19 -11.76 -4.46 -32.63
C ASN B 19 -12.32 -3.29 -31.82
N LEU B 20 -13.43 -3.54 -31.13
CA LEU B 20 -14.01 -2.58 -30.18
C LEU B 20 -13.01 -2.12 -29.12
N TYR B 21 -12.28 -3.08 -28.52
CA TYR B 21 -11.26 -2.76 -27.52
C TYR B 21 -10.17 -1.84 -28.07
N PHE B 22 -9.67 -2.12 -29.27
CA PHE B 22 -8.56 -1.34 -29.85
C PHE B 22 -8.97 0.06 -30.30
N GLN B 23 -10.04 0.15 -31.09
CA GLN B 23 -10.63 1.43 -31.49
C GLN B 23 -11.12 2.22 -30.28
N GLY B 24 -11.00 1.62 -29.11
CA GLY B 24 -11.38 2.29 -27.87
C GLY B 24 -10.24 2.63 -26.94
N ALA B 25 -9.11 1.93 -27.08
CA ALA B 25 -8.01 1.94 -26.10
C ALA B 25 -7.37 3.32 -25.90
N MET B 26 -7.01 4.11 -27.82
CA MET B 26 -6.37 5.29 -28.41
C MET B 26 -6.81 6.55 -27.64
N GLU B 27 -8.11 6.65 -27.36
CA GLU B 27 -8.73 7.89 -26.86
C GLU B 27 -8.22 8.25 -25.47
N ASN B 28 -7.78 9.50 -25.30
CA ASN B 28 -7.34 10.01 -24.00
C ASN B 28 -8.53 10.70 -23.32
N SER B 29 -9.20 9.96 -22.43
CA SER B 29 -10.40 10.43 -21.74
C SER B 29 -10.08 11.60 -20.77
N PHE B 30 -8.96 11.51 -20.07
CA PHE B 30 -8.51 12.62 -19.21
C PHE B 30 -8.35 13.93 -20.02
N LYS B 31 -7.65 13.86 -21.16
CA LYS B 31 -7.47 15.03 -22.03
C LYS B 31 -8.80 15.59 -22.48
N ALA B 32 -9.72 14.72 -22.92
CA ALA B 32 -11.06 15.12 -23.35
C ALA B 32 -11.84 15.81 -22.22
N ALA B 33 -11.74 15.27 -21.00
CA ALA B 33 -12.43 15.90 -19.86
C ALA B 33 -11.88 17.29 -19.52
N LEU B 34 -10.56 17.48 -19.62
CA LEU B 34 -9.94 18.80 -19.41
C LEU B 34 -10.35 19.83 -20.45
N LYS B 35 -10.42 19.42 -21.72
CA LYS B 35 -10.84 20.32 -22.81
C LYS B 35 -12.28 20.79 -22.64
N ALA B 36 -13.14 19.89 -22.16
CA ALA B 36 -14.55 20.16 -21.86
C ALA B 36 -14.80 20.90 -20.53
N GLY B 37 -13.74 21.19 -19.77
CA GLY B 37 -13.85 21.89 -18.50
C GLY B 37 -14.52 21.11 -17.39
N ARG B 38 -14.44 19.77 -17.44
CA ARG B 38 -14.93 18.91 -16.38
C ARG B 38 -13.84 18.76 -15.33
N PRO B 39 -14.09 19.22 -14.09
CA PRO B 39 -13.06 19.10 -13.06
C PRO B 39 -12.74 17.62 -12.77
N GLN B 40 -11.47 17.33 -12.57
CA GLN B 40 -11.03 15.95 -12.39
C GLN B 40 -10.38 15.80 -11.04
N ILE B 41 -10.91 14.91 -10.21
CA ILE B 41 -10.41 14.71 -8.85
C ILE B 41 -9.43 13.55 -8.82
N GLY B 42 -8.23 13.80 -8.27
CA GLY B 42 -7.14 12.83 -8.36
C GLY B 42 -6.56 12.33 -7.05
N LEU B 43 -5.91 11.17 -7.14
CA LEU B 43 -5.09 10.65 -6.04
C LEU B 43 -3.66 10.40 -6.50
N TRP B 44 -2.69 10.81 -5.70
CA TRP B 44 -1.27 10.57 -5.98
C TRP B 44 -0.91 9.14 -5.61
N LEU B 45 -0.16 8.46 -6.47
CA LEU B 45 0.31 7.11 -6.16
C LEU B 45 1.82 7.09 -5.96
N GLY B 46 2.25 7.01 -4.69
CA GLY B 46 3.65 6.79 -4.36
C GLY B 46 4.00 5.44 -3.79
N LEU B 47 3.00 4.55 -3.67
CA LEU B 47 3.28 3.23 -3.11
C LEU B 47 4.10 2.31 -4.04
N SER B 48 4.20 2.68 -5.33
CA SER B 48 5.10 2.03 -6.33
C SER B 48 4.78 0.55 -6.47
N SER B 49 3.49 0.23 -6.47
CA SER B 49 3.04 -1.17 -6.47
C SER B 49 1.86 -1.28 -7.41
N SER B 50 1.90 -2.30 -8.28
CA SER B 50 0.80 -2.56 -9.19
C SER B 50 -0.41 -3.11 -8.43
N TYR B 51 -0.16 -3.67 -7.25
CA TYR B 51 -1.20 -4.27 -6.43
C TYR B 51 -2.07 -3.21 -5.75
N SER B 52 -1.45 -2.29 -5.01
CA SER B 52 -2.18 -1.20 -4.38
C SER B 52 -2.74 -0.24 -5.43
N ALA B 53 -2.09 -0.12 -6.59
CA ALA B 53 -2.62 0.72 -7.69
C ALA B 53 -3.99 0.22 -8.14
N GLU B 54 -4.13 -1.11 -8.26
CA GLU B 54 -5.39 -1.69 -8.68
C GLU B 54 -6.46 -1.46 -7.60
N LEU B 55 -6.10 -1.76 -6.36
CA LEU B 55 -6.96 -1.45 -5.23
C LEU B 55 -7.49 0.00 -5.31
N LEU B 56 -6.59 0.96 -5.52
CA LEU B 56 -6.96 2.39 -5.52
C LEU B 56 -7.67 2.82 -6.81
N ALA B 57 -7.43 2.08 -7.89
CA ALA B 57 -8.15 2.30 -9.16
C ALA B 57 -9.67 2.10 -9.01
N GLY B 58 -10.10 1.36 -7.98
CA GLY B 58 -11.52 1.12 -7.73
C GLY B 58 -12.15 2.07 -6.72
N ALA B 59 -11.38 3.03 -6.22
CA ALA B 59 -11.86 3.96 -5.19
C ALA B 59 -12.77 5.09 -5.70
N GLY B 60 -12.77 5.38 -7.01
CA GLY B 60 -13.66 6.39 -7.57
C GLY B 60 -13.05 7.72 -8.00
N PHE B 61 -11.72 7.80 -8.07
CA PHE B 61 -11.03 9.00 -8.53
C PHE B 61 -11.10 9.14 -10.04
N ASP B 62 -11.08 10.37 -10.54
CA ASP B 62 -11.04 10.57 -12.00
C ASP B 62 -9.66 10.26 -12.57
N TRP B 63 -8.63 10.55 -11.78
CA TRP B 63 -7.25 10.29 -12.19
C TRP B 63 -6.35 9.88 -11.05
N LEU B 64 -5.28 9.17 -11.43
CA LEU B 64 -4.30 8.62 -10.51
C LEU B 64 -2.93 9.02 -11.04
N LEU B 65 -2.11 9.61 -10.17
CA LEU B 65 -0.78 10.08 -10.58
C LEU B 65 0.27 9.06 -10.19
N ILE B 66 0.89 8.43 -11.19
CA ILE B 66 1.99 7.51 -10.94
C ILE B 66 3.29 8.33 -10.91
N ASP B 67 3.89 8.44 -9.71
CA ASP B 67 4.95 9.40 -9.45
C ASP B 67 6.33 8.77 -9.69
N GLY B 68 6.98 9.15 -10.79
CA GLY B 68 8.33 8.68 -11.08
C GLY B 68 9.39 9.68 -10.64
N GLU B 69 8.97 10.76 -9.99
CA GLU B 69 9.92 11.75 -9.50
C GLU B 69 10.25 11.58 -7.99
N HIS B 70 9.23 11.37 -7.16
CA HIS B 70 9.41 11.34 -5.70
C HIS B 70 9.08 10.00 -5.05
N ALA B 71 8.71 9.03 -5.87
CA ALA B 71 8.45 7.65 -5.42
C ALA B 71 9.42 6.73 -6.19
N PRO B 72 9.80 5.58 -5.59
CA PRO B 72 10.77 4.72 -6.26
C PRO B 72 10.15 3.95 -7.47
N ASN B 73 9.66 4.69 -8.46
CA ASN B 73 9.17 4.09 -9.69
C ASN B 73 10.22 4.21 -10.80
N ASN B 74 10.08 3.36 -11.82
CA ASN B 74 10.82 3.49 -13.08
C ASN B 74 9.90 3.08 -14.24
N VAL B 75 10.44 2.93 -15.45
CA VAL B 75 9.61 2.65 -16.62
C VAL B 75 8.85 1.33 -16.44
N GLN B 76 9.52 0.36 -15.82
CA GLN B 76 8.97 -0.96 -15.61
C GLN B 76 7.85 -1.02 -14.58
N THR B 77 7.98 -0.26 -13.49
CA THR B 77 6.89 -0.21 -12.51
C THR B 77 5.73 0.65 -13.00
N VAL B 78 6.01 1.66 -13.84
CA VAL B 78 4.95 2.43 -14.46
C VAL B 78 4.12 1.48 -15.34
N LEU B 79 4.81 0.69 -16.18
CA LEU B 79 4.15 -0.27 -17.06
C LEU B 79 3.15 -1.16 -16.28
N THR B 80 3.58 -1.78 -15.18
CA THR B 80 2.70 -2.70 -14.44
C THR B 80 1.55 -1.98 -13.70
N GLN B 81 1.77 -0.73 -13.27
CA GLN B 81 0.67 0.09 -12.71
C GLN B 81 -0.36 0.49 -13.77
N LEU B 82 0.09 0.82 -14.98
CA LEU B 82 -0.85 1.06 -16.12
C LEU B 82 -1.68 -0.19 -16.42
N GLN B 83 -1.03 -1.36 -16.43
CA GLN B 83 -1.74 -2.62 -16.68
C GLN B 83 -2.78 -2.87 -15.59
N ALA B 84 -2.41 -2.64 -14.33
CA ALA B 84 -3.32 -2.82 -13.19
C ALA B 84 -4.55 -1.91 -13.27
N ILE B 85 -4.31 -0.66 -13.65
CA ILE B 85 -5.32 0.40 -13.67
C ILE B 85 -6.24 0.30 -14.87
N ALA B 86 -5.72 -0.26 -15.95
CA ALA B 86 -6.38 -0.30 -17.25
C ALA B 86 -7.90 -0.58 -17.30
N PRO B 87 -8.39 -1.64 -16.61
CA PRO B 87 -9.83 -1.91 -16.77
C PRO B 87 -10.77 -0.98 -15.97
N TYR B 88 -10.23 -0.11 -15.14
CA TYR B 88 -11.00 0.76 -14.28
C TYR B 88 -11.33 2.09 -14.95
N PRO B 89 -12.37 2.79 -14.47
CA PRO B 89 -12.66 4.14 -15.00
C PRO B 89 -11.60 5.20 -14.70
N SER B 90 -10.80 5.05 -13.64
CA SER B 90 -9.76 6.01 -13.27
C SER B 90 -8.66 6.10 -14.34
N GLN B 91 -8.24 7.32 -14.65
CA GLN B 91 -7.32 7.56 -15.75
C GLN B 91 -5.91 7.81 -15.23
N PRO B 92 -4.91 7.13 -15.83
CA PRO B 92 -3.55 7.29 -15.34
C PRO B 92 -2.86 8.56 -15.88
N VAL B 93 -2.08 9.19 -14.99
CA VAL B 93 -1.19 10.29 -15.34
C VAL B 93 0.15 9.88 -14.76
N VAL B 94 1.22 10.20 -15.47
CA VAL B 94 2.56 9.75 -15.05
C VAL B 94 3.50 10.97 -14.95
N ARG B 95 4.19 11.07 -13.82
CA ARG B 95 5.22 12.08 -13.67
C ARG B 95 6.62 11.47 -13.87
N PRO B 96 7.34 11.86 -14.96
CA PRO B 96 8.74 11.49 -15.16
C PRO B 96 9.63 12.16 -14.08
N SER B 97 10.84 11.65 -13.86
CA SER B 97 11.72 12.26 -12.86
C SER B 97 12.17 13.70 -13.21
N TRP B 98 12.16 14.01 -14.51
CA TRP B 98 12.43 15.37 -14.99
C TRP B 98 12.01 15.46 -16.44
N ASN B 99 12.10 16.67 -17.00
CA ASN B 99 11.79 16.95 -18.40
C ASN B 99 12.91 16.39 -19.30
N ASP B 100 12.90 15.07 -19.46
CA ASP B 100 13.94 14.30 -20.11
C ASP B 100 13.33 13.64 -21.34
N PRO B 101 13.74 14.03 -22.54
CA PRO B 101 13.12 13.48 -23.76
C PRO B 101 13.24 11.95 -23.89
N VAL B 102 14.37 11.39 -23.45
CA VAL B 102 14.61 9.94 -23.51
C VAL B 102 13.64 9.21 -22.58
N GLN B 103 13.54 9.67 -21.33
CA GLN B 103 12.62 9.09 -20.37
C GLN B 103 11.17 9.24 -20.81
N ILE B 104 10.82 10.40 -21.36
CA ILE B 104 9.47 10.62 -21.89
C ILE B 104 9.17 9.63 -23.04
N LYS B 105 10.12 9.44 -23.95
CA LYS B 105 9.99 8.48 -25.03
C LYS B 105 9.65 7.09 -24.48
N GLN B 106 10.40 6.65 -23.47
CA GLN B 106 10.21 5.31 -22.91
C GLN B 106 8.87 5.15 -22.21
N LEU B 107 8.45 6.18 -21.46
CA LEU B 107 7.15 6.19 -20.81
C LEU B 107 5.99 6.18 -21.82
N LEU B 108 6.12 6.91 -22.92
CA LEU B 108 5.09 6.92 -23.95
C LEU B 108 4.99 5.53 -24.61
N ASP B 109 6.13 4.88 -24.85
CA ASP B 109 6.07 3.57 -25.55
C ASP B 109 5.40 2.46 -24.71
N VAL B 110 5.50 2.54 -23.38
CA VAL B 110 4.77 1.59 -22.52
C VAL B 110 3.29 1.98 -22.32
N GLY B 111 2.86 3.09 -22.94
CA GLY B 111 1.44 3.46 -22.93
C GLY B 111 1.00 4.73 -22.22
N THR B 112 1.95 5.50 -21.66
CA THR B 112 1.61 6.79 -21.04
C THR B 112 1.06 7.79 -22.08
N GLN B 113 -0.11 8.35 -21.82
CA GLN B 113 -0.65 9.37 -22.73
C GLN B 113 -0.77 10.75 -22.08
N THR B 114 -0.76 10.76 -20.75
CA THR B 114 -0.82 12.00 -19.97
C THR B 114 0.39 12.11 -19.07
N LEU B 115 1.12 13.20 -19.27
CA LEU B 115 2.39 13.42 -18.57
C LEU B 115 2.33 14.66 -17.70
N LEU B 116 2.85 14.55 -16.48
CA LEU B 116 2.99 15.69 -15.58
C LEU B 116 4.50 15.99 -15.41
N VAL B 117 4.98 17.06 -16.05
CA VAL B 117 6.43 17.29 -16.18
C VAL B 117 6.90 18.27 -15.12
N PRO B 118 7.77 17.80 -14.21
CA PRO B 118 8.18 18.65 -13.09
C PRO B 118 9.15 19.74 -13.51
N MET B 119 9.20 20.81 -12.72
CA MET B 119 10.24 21.83 -12.87
C MET B 119 10.37 22.46 -14.25
N VAL B 120 9.24 22.80 -14.87
CA VAL B 120 9.24 23.52 -16.14
C VAL B 120 9.36 25.01 -15.83
N GLN B 121 10.49 25.61 -16.22
CA GLN B 121 10.87 26.93 -15.76
C GLN B 121 10.48 28.08 -16.70
N ASN B 122 10.27 27.75 -17.98
CA ASN B 122 10.08 28.78 -19.01
C ASN B 122 9.42 28.13 -20.24
N ALA B 123 9.08 28.95 -21.22
CA ALA B 123 8.40 28.47 -22.43
C ALA B 123 9.23 27.51 -23.30
N ASP B 124 10.55 27.71 -23.37
CA ASP B 124 11.43 26.78 -24.08
C ASP B 124 11.33 25.37 -23.52
N GLU B 125 11.43 25.27 -22.21
CA GLU B 125 11.30 23.98 -21.52
C GLU B 125 9.94 23.34 -21.73
N ALA B 126 8.88 24.15 -21.67
CA ALA B 126 7.52 23.67 -21.93
C ALA B 126 7.39 23.13 -23.36
N ARG B 127 7.94 23.87 -24.32
CA ARG B 127 8.00 23.43 -25.73
C ARG B 127 8.76 22.12 -25.91
N GLU B 128 9.91 21.98 -25.23
CA GLU B 128 10.68 20.73 -25.26
C GLU B 128 9.85 19.57 -24.75
N ALA B 129 9.09 19.78 -23.67
CA ALA B 129 8.18 18.78 -23.10
C ALA B 129 7.15 18.33 -24.14
N VAL B 130 6.51 19.31 -24.78
CA VAL B 130 5.51 19.03 -25.83
C VAL B 130 6.10 18.25 -27.01
N ARG B 131 7.26 18.68 -27.52
CA ARG B 131 7.89 18.04 -28.68
C ARG B 131 8.39 16.61 -28.41
N ALA B 132 8.77 16.33 -27.17
CA ALA B 132 9.14 14.97 -26.75
C ALA B 132 7.98 13.99 -26.89
N THR B 133 6.74 14.49 -26.87
CA THR B 133 5.57 13.61 -26.94
C THR B 133 5.03 13.40 -28.36
N ARG B 134 5.58 14.10 -29.35
CA ARG B 134 5.00 14.12 -30.71
C ARG B 134 5.94 13.61 -31.77
N TYR B 135 5.40 12.80 -32.67
CA TYR B 135 6.15 12.28 -33.80
C TYR B 135 6.46 13.41 -34.78
N PRO B 136 7.60 13.32 -35.49
CA PRO B 136 7.93 14.27 -36.56
C PRO B 136 6.77 14.44 -37.52
N PRO B 137 6.57 15.63 -38.11
CA PRO B 137 7.37 16.84 -37.93
C PRO B 137 7.03 17.63 -36.67
N ALA B 138 5.98 17.24 -35.96
CA ALA B 138 5.47 18.04 -34.82
C ALA B 138 6.34 17.91 -33.55
N GLY B 139 7.24 16.92 -33.52
CA GLY B 139 8.13 16.73 -32.39
C GLY B 139 9.26 15.76 -32.69
N ILE B 140 9.91 15.27 -31.64
CA ILE B 140 11.08 14.40 -31.80
C ILE B 140 10.85 12.99 -31.26
N ARG B 141 9.58 12.62 -31.06
CA ARG B 141 9.29 11.28 -30.53
C ARG B 141 9.87 10.21 -31.45
N GLY B 142 10.65 9.30 -30.87
CA GLY B 142 11.25 8.20 -31.62
C GLY B 142 10.22 7.14 -31.93
N VAL B 143 10.35 6.53 -33.09
CA VAL B 143 9.34 5.61 -33.62
C VAL B 143 9.76 4.16 -33.37
N GLY B 144 8.97 3.45 -32.59
CA GLY B 144 9.19 2.03 -32.37
C GLY B 144 7.88 1.39 -31.99
N SER B 145 6.86 1.56 -32.83
CA SER B 145 5.49 1.20 -32.45
C SER B 145 5.21 -0.31 -32.47
N ALA B 146 5.96 -1.07 -33.26
CA ALA B 146 5.82 -2.53 -33.27
C ALA B 146 6.18 -3.14 -31.94
N LEU B 147 7.09 -2.48 -31.23
CA LEU B 147 7.62 -2.97 -29.98
C LEU B 147 6.78 -2.55 -28.80
N ALA B 148 5.84 -1.63 -29.01
CA ALA B 148 5.32 -0.81 -27.93
C ALA B 148 3.92 -1.23 -27.47
N ARG B 149 3.71 -1.28 -26.16
CA ARG B 149 2.37 -1.36 -25.61
C ARG B 149 1.47 -0.17 -26.06
N ALA B 150 2.08 1.00 -26.26
CA ALA B 150 1.36 2.20 -26.74
C ALA B 150 0.44 1.93 -27.93
N SER B 151 0.94 1.18 -28.92
CA SER B 151 0.14 0.87 -30.08
C SER B 151 -0.53 -0.49 -29.94
N ARG B 152 -0.44 -1.10 -28.75
CA ARG B 152 -0.75 -2.53 -28.55
C ARG B 152 -0.05 -3.43 -29.56
N TRP B 153 1.24 -3.21 -29.72
CA TRP B 153 2.08 -3.99 -30.64
C TRP B 153 1.48 -3.98 -32.04
N ASN B 154 1.11 -2.77 -32.49
CA ASN B 154 0.55 -2.51 -33.82
C ASN B 154 -0.86 -3.00 -34.08
N ARG B 155 -1.61 -3.28 -33.03
CA ARG B 155 -3.03 -3.63 -33.17
C ARG B 155 -3.96 -2.42 -33.23
N ILE B 156 -3.54 -1.29 -32.66
CA ILE B 156 -4.29 -0.06 -32.82
C ILE B 156 -4.05 0.42 -34.26
N PRO B 157 -5.12 0.48 -35.08
CA PRO B 157 -4.91 0.86 -36.49
C PRO B 157 -4.57 2.34 -36.59
N ASP B 158 -3.66 2.66 -37.50
CA ASP B 158 -3.25 4.03 -37.79
C ASP B 158 -2.66 4.70 -36.56
N TYR B 159 -1.99 3.93 -35.70
CA TYR B 159 -1.44 4.45 -34.46
C TYR B 159 -0.54 5.66 -34.72
N LEU B 160 0.38 5.54 -35.68
CA LEU B 160 1.34 6.63 -35.96
C LEU B 160 0.65 7.94 -36.31
N GLN B 161 -0.50 7.84 -36.99
CA GLN B 161 -1.26 9.01 -37.44
C GLN B 161 -2.19 9.57 -36.37
N LYS B 162 -2.56 8.74 -35.39
CA LYS B 162 -3.50 9.14 -34.33
C LYS B 162 -2.86 9.55 -33.00
N ALA B 163 -1.60 9.17 -32.79
CA ALA B 163 -0.97 9.27 -31.47
C ALA B 163 -0.80 10.71 -30.94
N ASN B 164 -0.33 11.62 -31.80
CA ASN B 164 0.02 12.99 -31.35
C ASN B 164 -1.16 13.69 -30.68
N ASP B 165 -2.35 13.54 -31.27
CA ASP B 165 -3.55 14.24 -30.81
C ASP B 165 -4.10 13.76 -29.46
N GLN B 166 -3.70 12.55 -29.07
CA GLN B 166 -4.14 11.96 -27.80
C GLN B 166 -3.14 12.14 -26.67
N MET B 167 -2.00 12.77 -26.94
CA MET B 167 -1.04 13.13 -25.90
C MET B 167 -1.49 14.36 -25.12
N CYS B 168 -1.36 14.29 -23.80
CA CYS B 168 -1.76 15.36 -22.91
C CYS B 168 -0.57 15.78 -22.02
N VAL B 169 -0.05 16.99 -22.25
CA VAL B 169 1.15 17.49 -21.56
C VAL B 169 0.75 18.53 -20.52
N LEU B 170 1.11 18.24 -19.27
CA LEU B 170 0.82 19.09 -18.12
C LEU B 170 2.19 19.49 -17.58
N VAL B 171 2.42 20.79 -17.39
CA VAL B 171 3.73 21.27 -16.92
C VAL B 171 3.60 21.85 -15.52
N GLN B 172 4.61 21.56 -14.68
CA GLN B 172 4.65 22.06 -13.31
C GLN B 172 5.43 23.34 -13.22
N ILE B 173 4.82 24.34 -12.61
CA ILE B 173 5.49 25.58 -12.24
C ILE B 173 5.74 25.56 -10.72
N GLU B 174 7.00 25.67 -10.34
CA GLU B 174 7.40 25.28 -8.98
C GLU B 174 8.37 26.25 -8.36
N THR B 175 8.62 27.37 -9.03
CA THR B 175 9.59 28.37 -8.59
C THR B 175 9.07 29.77 -8.92
N ARG B 176 9.73 30.79 -8.36
CA ARG B 176 9.36 32.17 -8.63
C ARG B 176 9.61 32.52 -10.11
N GLU B 177 10.70 31.98 -10.64
CA GLU B 177 11.05 32.10 -12.07
C GLU B 177 9.95 31.56 -12.97
N ALA B 178 9.48 30.35 -12.67
CA ALA B 178 8.37 29.74 -13.42
C ALA B 178 7.09 30.57 -13.36
N MET B 179 6.79 31.10 -12.17
CA MET B 179 5.65 32.01 -11.97
C MET B 179 5.79 33.27 -12.80
N LYS B 180 7.00 33.85 -12.86
CA LYS B 180 7.28 35.02 -13.70
C LYS B 180 7.10 34.71 -15.19
N ASN B 181 7.51 33.52 -15.60
CA ASN B 181 7.41 33.12 -16.99
C ASN B 181 6.06 32.52 -17.38
N LEU B 182 5.12 32.46 -16.44
CA LEU B 182 3.80 31.88 -16.69
C LEU B 182 3.07 32.39 -17.95
N PRO B 183 2.99 33.72 -18.17
CA PRO B 183 2.32 34.17 -19.41
C PRO B 183 2.87 33.51 -20.68
N GLN B 184 4.19 33.37 -20.77
CA GLN B 184 4.81 32.79 -21.95
C GLN B 184 4.56 31.27 -22.06
N ILE B 185 4.62 30.57 -20.93
CA ILE B 185 4.29 29.15 -20.84
C ILE B 185 2.86 28.85 -21.32
N LEU B 186 1.93 29.71 -20.92
CA LEU B 186 0.52 29.59 -21.32
C LEU B 186 0.33 29.83 -22.83
N ASP B 187 1.27 30.50 -23.48
CA ASP B 187 1.24 30.67 -24.93
C ASP B 187 1.75 29.45 -25.73
N VAL B 188 2.30 28.45 -25.06
CA VAL B 188 2.91 27.31 -25.76
C VAL B 188 1.84 26.33 -26.21
N GLU B 189 1.77 26.12 -27.52
CA GLU B 189 0.85 25.14 -28.07
C GLU B 189 1.19 23.72 -27.62
N GLY B 190 0.18 23.00 -27.16
CA GLY B 190 0.36 21.63 -26.71
C GLY B 190 0.49 21.49 -25.21
N VAL B 191 0.72 22.61 -24.51
CA VAL B 191 0.64 22.61 -23.05
C VAL B 191 -0.86 22.64 -22.74
N ASP B 192 -1.40 21.54 -22.20
CA ASP B 192 -2.85 21.44 -21.95
C ASP B 192 -3.23 21.88 -20.53
N GLY B 193 -2.27 21.77 -19.61
CA GLY B 193 -2.50 22.16 -18.24
C GLY B 193 -1.23 22.65 -17.59
N VAL B 194 -1.42 23.46 -16.56
CA VAL B 194 -0.32 23.97 -15.76
C VAL B 194 -0.66 23.67 -14.32
N PHE B 195 0.27 22.96 -13.67
CA PHE B 195 0.14 22.41 -12.34
C PHE B 195 1.06 23.23 -11.43
N ILE B 196 0.51 23.71 -10.32
CA ILE B 196 1.33 24.40 -9.33
C ILE B 196 1.71 23.40 -8.25
N GLY B 197 3.02 23.26 -8.00
CA GLY B 197 3.52 22.43 -6.90
C GLY B 197 3.80 23.31 -5.68
N PRO B 198 2.89 23.30 -4.68
CA PRO B 198 2.99 24.21 -3.53
C PRO B 198 4.20 23.99 -2.62
N ALA B 199 4.66 22.74 -2.51
CA ALA B 199 5.77 22.41 -1.61
C ALA B 199 7.07 22.95 -2.18
N ASP B 200 7.35 22.62 -3.44
CA ASP B 200 8.49 23.20 -4.14
C ASP B 200 8.39 24.74 -4.25
N LEU B 201 7.19 25.26 -4.51
CA LEU B 201 7.01 26.72 -4.63
C LEU B 201 7.32 27.45 -3.33
N SER B 202 6.71 27.02 -2.21
CA SER B 202 6.96 27.69 -0.94
C SER B 202 8.42 27.58 -0.54
N ALA B 203 9.04 26.43 -0.81
CA ALA B 203 10.48 26.27 -0.59
C ALA B 203 11.26 27.34 -1.37
N ASP B 204 10.98 27.50 -2.68
CA ASP B 204 11.64 28.54 -3.49
C ASP B 204 11.38 29.96 -2.96
N MET B 205 10.20 30.18 -2.39
CA MET B 205 9.78 31.49 -1.85
C MET B 205 10.31 31.76 -0.43
N GLY B 206 11.00 30.78 0.17
CA GLY B 206 11.62 30.98 1.47
C GLY B 206 10.78 30.51 2.66
N TYR B 207 9.81 29.64 2.40
CA TYR B 207 8.93 29.12 3.45
C TYR B 207 9.12 27.62 3.66
N ALA B 208 10.29 27.13 3.28
CA ALA B 208 10.79 25.78 3.61
C ALA B 208 9.85 24.62 3.36
N GLY B 209 9.06 24.70 2.29
CA GLY B 209 8.18 23.59 1.88
C GLY B 209 6.78 23.62 2.49
N ASN B 210 6.54 24.55 3.41
CA ASN B 210 5.21 24.78 3.99
C ASN B 210 4.38 25.87 3.26
N PRO B 211 3.37 25.43 2.47
CA PRO B 211 2.57 26.33 1.64
C PRO B 211 1.54 27.16 2.39
N GLN B 212 1.29 26.81 3.67
CA GLN B 212 0.30 27.52 4.48
C GLN B 212 0.84 28.85 5.01
N HIS B 213 1.09 29.78 4.09
CA HIS B 213 1.49 31.15 4.37
C HIS B 213 0.76 32.02 3.37
N PRO B 214 0.30 33.22 3.79
CA PRO B 214 -0.47 34.09 2.88
C PRO B 214 0.16 34.42 1.53
N GLU B 215 1.49 34.59 1.48
CA GLU B 215 2.19 34.94 0.24
C GLU B 215 2.19 33.79 -0.77
N VAL B 216 2.36 32.57 -0.28
CA VAL B 216 2.32 31.39 -1.11
C VAL B 216 0.89 31.21 -1.64
N GLN B 217 -0.10 31.31 -0.76
CA GLN B 217 -1.50 31.17 -1.13
C GLN B 217 -1.95 32.17 -2.20
N ALA B 218 -1.53 33.42 -2.05
CA ALA B 218 -1.80 34.48 -3.02
C ALA B 218 -1.21 34.18 -4.39
N ALA B 219 0.06 33.76 -4.43
CA ALA B 219 0.72 33.37 -5.68
C ALA B 219 0.02 32.17 -6.32
N ILE B 220 -0.40 31.20 -5.49
CA ILE B 220 -1.14 30.03 -6.00
C ILE B 220 -2.48 30.43 -6.65
N GLU B 221 -3.29 31.21 -5.93
CA GLU B 221 -4.63 31.57 -6.40
C GLU B 221 -4.63 32.49 -7.61
N GLN B 222 -3.69 33.43 -7.64
CA GLN B 222 -3.50 34.29 -8.78
C GLN B 222 -3.13 33.47 -10.00
N ALA B 223 -2.23 32.50 -9.83
CA ALA B 223 -1.82 31.62 -10.93
C ALA B 223 -2.96 30.80 -11.47
N ILE B 224 -3.77 30.21 -10.59
CA ILE B 224 -4.93 29.41 -11.01
C ILE B 224 -5.85 30.25 -11.88
N VAL B 225 -6.10 31.49 -11.45
CA VAL B 225 -6.95 32.45 -12.17
C VAL B 225 -6.38 32.77 -13.55
N GLN B 226 -5.10 33.18 -13.62
CA GLN B 226 -4.39 33.37 -14.91
C GLN B 226 -4.39 32.14 -15.81
N ILE B 227 -4.18 30.95 -15.25
CA ILE B 227 -4.18 29.71 -16.05
C ILE B 227 -5.54 29.51 -16.72
N ARG B 228 -6.61 29.56 -15.93
CA ARG B 228 -7.95 29.29 -16.42
C ARG B 228 -8.39 30.34 -17.44
N GLU B 229 -7.98 31.59 -17.21
CA GLU B 229 -8.23 32.69 -18.13
C GLU B 229 -7.70 32.47 -19.55
N SER B 230 -6.53 31.83 -19.66
CA SER B 230 -5.91 31.50 -20.94
C SER B 230 -6.61 30.35 -21.67
N GLY B 231 -7.56 29.71 -21.02
CA GLY B 231 -8.25 28.57 -21.59
C GLY B 231 -7.59 27.22 -21.31
N LYS B 232 -6.47 27.21 -20.57
CA LYS B 232 -5.79 25.95 -20.21
C LYS B 232 -6.24 25.48 -18.82
N ALA B 233 -5.91 24.25 -18.46
CA ALA B 233 -6.37 23.65 -17.22
C ALA B 233 -5.40 23.93 -16.08
N PRO B 234 -5.88 24.57 -14.99
CA PRO B 234 -5.03 24.61 -13.79
C PRO B 234 -5.09 23.31 -13.00
N GLY B 235 -3.95 22.94 -12.42
CA GLY B 235 -3.87 21.77 -11.55
C GLY B 235 -3.05 22.03 -10.30
N ILE B 236 -3.24 21.17 -9.31
CA ILE B 236 -2.58 21.31 -8.03
C ILE B 236 -2.79 19.99 -7.25
N LEU B 237 -1.89 19.75 -6.30
CA LEU B 237 -2.00 18.71 -5.30
C LEU B 237 -2.12 19.44 -3.97
N ILE B 238 -3.17 19.11 -3.22
CA ILE B 238 -3.41 19.71 -1.92
C ILE B 238 -4.16 18.71 -1.02
N ALA B 239 -3.59 18.44 0.14
CA ALA B 239 -4.18 17.49 1.08
C ALA B 239 -5.27 18.12 1.96
N ASN B 240 -5.26 19.45 2.09
CA ASN B 240 -6.31 20.17 2.82
C ASN B 240 -7.58 20.30 1.96
N GLU B 241 -8.69 19.72 2.43
CA GLU B 241 -9.95 19.68 1.64
C GLU B 241 -10.53 21.08 1.40
N GLN B 242 -10.46 21.93 2.41
CA GLN B 242 -10.99 23.29 2.34
C GLN B 242 -10.26 24.12 1.28
N LEU B 243 -8.92 24.07 1.29
CA LEU B 243 -8.13 24.64 0.21
C LEU B 243 -8.41 24.03 -1.17
N ALA B 244 -8.59 22.70 -1.23
CA ALA B 244 -8.93 22.03 -2.50
C ALA B 244 -10.22 22.61 -3.10
N LYS B 245 -11.26 22.75 -2.27
CA LYS B 245 -12.55 23.28 -2.70
C LYS B 245 -12.40 24.74 -3.16
N ARG B 246 -11.57 25.48 -2.44
CA ARG B 246 -11.26 26.84 -2.81
C ARG B 246 -10.49 26.97 -4.13
N TYR B 247 -9.54 26.07 -4.41
CA TYR B 247 -8.89 26.07 -5.72
C TYR B 247 -9.86 25.68 -6.84
N LEU B 248 -10.75 24.73 -6.56
CA LEU B 248 -11.79 24.29 -7.52
C LEU B 248 -12.75 25.44 -7.87
N GLU B 249 -13.14 26.20 -6.85
CA GLU B 249 -14.01 27.37 -7.03
C GLU B 249 -13.37 28.40 -7.97
N LEU B 250 -12.05 28.54 -7.91
CA LEU B 250 -11.32 29.49 -8.73
C LEU B 250 -11.06 29.00 -10.15
N GLY B 251 -11.40 27.73 -10.42
CA GLY B 251 -11.33 27.19 -11.76
C GLY B 251 -10.33 26.09 -12.02
N ALA B 252 -9.67 25.59 -10.98
CA ALA B 252 -8.76 24.47 -11.16
C ALA B 252 -9.51 23.24 -11.69
N LEU B 253 -8.87 22.55 -12.63
CA LEU B 253 -9.52 21.47 -13.37
C LEU B 253 -8.90 20.10 -13.16
N PHE B 254 -7.67 20.04 -12.69
CA PHE B 254 -7.14 18.75 -12.24
C PHE B 254 -6.54 18.88 -10.84
N VAL B 255 -7.31 18.42 -9.86
CA VAL B 255 -6.93 18.63 -8.47
C VAL B 255 -6.76 17.27 -7.82
N ALA B 256 -5.53 17.00 -7.38
CA ALA B 256 -5.24 15.82 -6.57
C ALA B 256 -5.47 16.18 -5.10
N VAL B 257 -6.25 15.36 -4.43
CA VAL B 257 -6.78 15.70 -3.10
C VAL B 257 -6.16 14.82 -1.99
N GLY B 258 -5.21 13.97 -2.34
CA GLY B 258 -4.53 13.16 -1.33
C GLY B 258 -3.43 12.32 -1.95
N VAL B 259 -2.71 11.58 -1.10
CA VAL B 259 -1.54 10.81 -1.49
C VAL B 259 -1.73 9.46 -0.81
N ASP B 260 -1.56 8.37 -1.56
CA ASP B 260 -1.80 7.05 -1.00
C ASP B 260 -0.97 6.73 0.26
N THR B 261 0.32 7.07 0.26
CA THR B 261 1.19 6.82 1.41
C THR B 261 0.67 7.57 2.65
N THR B 262 0.21 8.81 2.44
CA THR B 262 -0.33 9.63 3.53
C THR B 262 -1.66 9.06 4.05
N LEU B 263 -2.58 8.73 3.14
CA LEU B 263 -3.83 8.10 3.57
C LEU B 263 -3.58 6.86 4.41
N LEU B 264 -2.64 6.00 3.98
CA LEU B 264 -2.35 4.77 4.70
C LEU B 264 -1.70 5.03 6.06
N ALA B 265 -0.64 5.84 6.07
CA ALA B 265 0.09 6.19 7.29
C ALA B 265 -0.82 6.85 8.33
N ARG B 266 -1.64 7.80 7.92
CA ARG B 266 -2.50 8.53 8.88
C ARG B 266 -3.65 7.64 9.39
N ALA B 267 -4.21 6.80 8.52
CA ALA B 267 -5.31 5.92 8.99
C ALA B 267 -4.79 4.88 10.00
N ALA B 268 -3.60 4.33 9.74
CA ALA B 268 -3.00 3.31 10.60
C ALA B 268 -2.59 3.93 11.93
N GLU B 269 -1.96 5.09 11.87
CA GLU B 269 -1.53 5.81 13.06
C GLU B 269 -2.73 6.16 13.96
N ALA B 270 -3.79 6.69 13.37
CA ALA B 270 -4.96 7.10 14.15
C ALA B 270 -5.62 5.89 14.80
N LEU B 271 -5.70 4.78 14.07
CA LEU B 271 -6.19 3.49 14.58
C LEU B 271 -5.38 2.93 15.76
N ALA B 272 -4.05 2.86 15.62
CA ALA B 272 -3.19 2.42 16.73
C ALA B 272 -3.42 3.26 18.01
N ALA B 273 -3.50 4.58 17.83
CA ALA B 273 -3.66 5.51 18.96
C ALA B 273 -5.00 5.35 19.67
N ARG B 274 -6.04 4.99 18.92
CA ARG B 274 -7.36 4.76 19.52
C ARG B 274 -7.35 3.61 20.53
N PHE B 275 -6.36 2.73 20.41
CA PHE B 275 -6.20 1.59 21.31
C PHE B 275 -5.09 1.76 22.33
N GLY B 276 -4.46 2.93 22.33
CA GLY B 276 -3.33 3.22 23.20
C GLY B 276 -2.16 2.27 22.95
N ALA B 277 -1.89 1.75 21.82
#